data_4ZZW
#
_entry.id   4ZZW
#
_cell.length_a   42.640
_cell.length_b   81.820
_cell.length_c   55.030
_cell.angle_alpha   90.00
_cell.angle_beta   109.63
_cell.angle_gamma   90.00
#
_symmetry.space_group_name_H-M   'P 1 21 1'
#
loop_
_entity.id
_entity.type
_entity.pdbx_description
1 polymer 'CELLOBIOHYDROLASE I'
2 branched 2-acetamido-2-deoxy-beta-D-glucopyranose-(1-4)-2-acetamido-2-deoxy-beta-D-glucopyranose
3 branched beta-D-glucopyranose-(1-4)-beta-D-glucopyranose
4 non-polymer 2-acetamido-2-deoxy-beta-D-glucopyranose
5 non-polymer alpha-D-mannopyranose
6 non-polymer GLYCEROL
7 non-polymer DI(HYDROXYETHYL)ETHER
8 non-polymer 'MAGNESIUM ION'
9 water water
#
_entity_poly.entity_id   1
_entity_poly.type   'polypeptide(L)'
_entity_poly.pdbx_seq_one_letter_code
;(PCA)QIGTLTTETHPPLTWQTCTSGGSCTTNNGKVVLDANWRWLHSTSGSTNCYTGNTWNTTLCPDDTTCAQNCALDGA
DYEGTYGITASGNSLRLNFVTNGSQKNVGSRTYLMKDDTHYQTFNLLNQEFTFDVDVSGLPCGLNGALYMVPMAADGGVS
NEPNNKAGAQYGVGYCDSQCPRDLKFIAGSANVQGWEPASNSANSGLGGNGSCCAELDIWEANSISAALTPHSADTVTQT
VCNGDDCGGTYSNDRYSGTTDPDGCDFNSYRQGDTSFYGPGKTVDTNSKFTVVTQFLTDSSGNLNEIKRFYVQNGVVIPN
SQSTIAGISGNSITQDYCTAQKQVFGDTNTWEDHGGFQSMTNAFKAGMVLVMSLWDDYYADMLWLDSVAYPTDADPSTPG
VARGTCSTTSGVPSDIESSAASAYVIYSNIKVGPINSTFSGT
;
_entity_poly.pdbx_strand_id   A
#
# COMPACT_ATOMS: atom_id res chain seq x y z
N GLN A 2 -16.87 2.28 -16.83
CA GLN A 2 -17.03 1.41 -17.97
C GLN A 2 -15.69 0.88 -18.47
N ILE A 3 -15.75 -0.09 -19.37
CA ILE A 3 -14.55 -0.67 -19.99
C ILE A 3 -14.26 0.11 -21.26
N GLY A 4 -13.10 0.75 -21.31
CA GLY A 4 -12.65 1.45 -22.51
C GLY A 4 -12.15 0.44 -23.52
N THR A 5 -12.35 0.73 -24.80
CA THR A 5 -11.97 -0.22 -25.85
C THR A 5 -10.96 0.37 -26.83
N LEU A 6 -10.40 1.54 -26.52
CA LEU A 6 -9.44 2.19 -27.42
C LEU A 6 -8.03 1.62 -27.31
N THR A 7 -7.69 1.05 -26.14
CA THR A 7 -6.37 0.48 -25.88
C THR A 7 -6.51 -0.85 -25.16
N THR A 8 -5.89 -1.90 -25.68
N THR A 8 -5.92 -1.91 -25.68
CA THR A 8 -5.89 -3.22 -25.06
CA THR A 8 -6.01 -3.21 -25.03
C THR A 8 -5.33 -3.16 -23.64
C THR A 8 -5.35 -3.18 -23.66
N GLU A 9 -5.94 -3.93 -22.73
CA GLU A 9 -5.43 -4.06 -21.37
C GLU A 9 -4.81 -5.44 -21.25
N THR A 10 -3.48 -5.46 -21.20
CA THR A 10 -2.73 -6.69 -21.05
C THR A 10 -1.96 -6.61 -19.75
N HIS A 11 -2.27 -7.50 -18.82
CA HIS A 11 -1.66 -7.49 -17.49
C HIS A 11 -0.28 -8.16 -17.53
N PRO A 12 0.78 -7.44 -17.14
CA PRO A 12 2.10 -8.07 -17.15
C PRO A 12 2.16 -9.28 -16.21
N PRO A 13 2.90 -10.33 -16.59
CA PRO A 13 2.95 -11.54 -15.78
C PRO A 13 3.84 -11.37 -14.55
N LEU A 14 3.43 -11.98 -13.45
CA LEU A 14 4.26 -12.07 -12.26
C LEU A 14 3.99 -13.39 -11.57
N THR A 15 5.01 -14.24 -11.48
N THR A 15 5.05 -14.19 -11.45
CA THR A 15 4.83 -15.52 -10.80
CA THR A 15 4.99 -15.51 -10.82
C THR A 15 5.30 -15.40 -9.36
C THR A 15 5.31 -15.36 -9.33
N TRP A 16 4.60 -16.12 -8.49
CA TRP A 16 4.87 -16.13 -7.05
C TRP A 16 4.68 -17.57 -6.57
N GLN A 17 5.14 -17.86 -5.36
CA GLN A 17 5.24 -19.25 -4.92
C GLN A 17 4.43 -19.53 -3.69
N THR A 18 3.87 -20.74 -3.64
N THR A 18 3.85 -20.73 -3.64
CA THR A 18 3.22 -21.27 -2.45
CA THR A 18 3.22 -21.25 -2.43
C THR A 18 4.10 -22.40 -1.95
C THR A 18 4.09 -22.39 -1.94
N CYS A 19 4.43 -22.37 -0.65
CA CYS A 19 5.34 -23.35 -0.07
C CYS A 19 4.68 -24.26 0.96
N THR A 20 5.22 -25.46 1.09
CA THR A 20 4.77 -26.44 2.08
C THR A 20 5.57 -26.26 3.36
N SER A 21 5.13 -26.90 4.44
CA SER A 21 5.82 -26.81 5.73
C SER A 21 7.31 -27.15 5.65
N GLY A 22 7.65 -28.10 4.77
CA GLY A 22 9.03 -28.55 4.61
C GLY A 22 9.90 -27.69 3.71
N GLY A 23 9.37 -26.59 3.20
CA GLY A 23 10.15 -25.69 2.36
C GLY A 23 10.15 -25.94 0.87
N SER A 24 9.34 -26.89 0.42
N SER A 24 9.35 -26.90 0.41
N SER A 24 9.35 -26.90 0.41
CA SER A 24 9.18 -27.14 -1.01
CA SER A 24 9.17 -27.15 -1.01
CA SER A 24 9.17 -27.15 -1.01
C SER A 24 8.09 -26.21 -1.53
C SER A 24 8.10 -26.19 -1.52
C SER A 24 8.09 -26.20 -1.52
N CYS A 25 8.35 -25.57 -2.67
CA CYS A 25 7.43 -24.57 -3.22
C CYS A 25 7.04 -24.88 -4.65
N THR A 26 5.82 -24.47 -5.00
CA THR A 26 5.33 -24.53 -6.37
C THR A 26 4.96 -23.13 -6.82
N THR A 27 4.94 -22.95 -8.13
CA THR A 27 4.74 -21.63 -8.73
C THR A 27 3.29 -21.38 -9.09
N ASN A 28 2.90 -20.11 -8.99
CA ASN A 28 1.59 -19.63 -9.41
C ASN A 28 1.84 -18.53 -10.43
N ASN A 29 1.25 -18.65 -11.61
CA ASN A 29 1.42 -17.62 -12.63
C ASN A 29 0.34 -16.57 -12.53
N GLY A 30 0.64 -15.52 -11.77
CA GLY A 30 -0.27 -14.40 -11.58
C GLY A 30 0.04 -13.31 -12.57
N LYS A 31 -0.65 -12.18 -12.43
N LYS A 31 -0.67 -12.18 -12.40
CA LYS A 31 -0.39 -11.01 -13.25
CA LYS A 31 -0.53 -11.02 -13.26
C LYS A 31 -0.62 -9.78 -12.40
C LYS A 31 -0.60 -9.75 -12.41
N VAL A 32 -0.12 -8.64 -12.86
N VAL A 32 -0.26 -8.63 -13.03
CA VAL A 32 -0.33 -7.40 -12.14
CA VAL A 32 -0.21 -7.35 -12.34
C VAL A 32 -1.21 -6.46 -12.95
C VAL A 32 -1.18 -6.39 -13.02
N VAL A 33 -1.93 -5.61 -12.24
CA VAL A 33 -2.84 -4.62 -12.84
C VAL A 33 -2.67 -3.25 -12.20
N LEU A 34 -2.69 -2.22 -13.03
CA LEU A 34 -2.55 -0.84 -12.58
C LEU A 34 -3.85 -0.32 -12.00
N ASP A 35 -3.73 0.37 -10.87
CA ASP A 35 -4.86 1.02 -10.23
C ASP A 35 -5.57 2.00 -11.18
N ALA A 36 -6.89 2.01 -11.09
CA ALA A 36 -7.74 2.79 -12.00
C ALA A 36 -7.46 4.30 -12.03
N ASN A 37 -7.03 4.86 -10.90
N ASN A 37 -7.01 4.86 -10.92
CA ASN A 37 -6.77 6.31 -10.83
CA ASN A 37 -6.77 6.31 -10.83
C ASN A 37 -5.68 6.81 -11.76
C ASN A 37 -5.61 6.83 -11.67
N TRP A 38 -4.75 5.92 -12.13
CA TRP A 38 -3.66 6.28 -13.03
C TRP A 38 -4.08 6.24 -14.51
N ARG A 39 -5.25 5.70 -14.81
CA ARG A 39 -5.65 5.43 -16.19
C ARG A 39 -6.30 6.63 -16.89
N TRP A 40 -6.30 6.55 -18.21
CA TRP A 40 -7.10 7.44 -19.05
C TRP A 40 -8.59 7.17 -18.78
N LEU A 41 -9.35 8.22 -18.51
CA LEU A 41 -10.79 8.12 -18.28
C LEU A 41 -11.50 8.97 -19.32
N HIS A 42 -12.23 8.33 -20.23
CA HIS A 42 -12.83 9.04 -21.35
C HIS A 42 -14.26 8.58 -21.60
N SER A 43 -14.96 9.34 -22.44
CA SER A 43 -16.32 9.04 -22.82
C SER A 43 -16.42 7.65 -23.45
N THR A 44 -17.54 6.98 -23.22
CA THR A 44 -17.81 5.71 -23.90
C THR A 44 -18.04 5.84 -25.43
N SER A 45 -18.28 7.05 -25.92
N SER A 45 -18.26 7.06 -25.91
CA SER A 45 -18.50 7.26 -27.35
CA SER A 45 -18.52 7.32 -27.33
C SER A 45 -17.32 7.88 -28.10
C SER A 45 -17.25 7.67 -28.13
N GLY A 46 -16.16 7.95 -27.44
CA GLY A 46 -14.96 8.44 -28.11
C GLY A 46 -13.84 8.77 -27.15
N SER A 47 -12.96 9.68 -27.56
N SER A 47 -12.97 9.70 -27.56
CA SER A 47 -11.73 9.99 -26.83
CA SER A 47 -11.74 9.99 -26.83
C SER A 47 -11.83 11.19 -25.90
C SER A 47 -11.83 11.20 -25.91
N THR A 48 -13.00 11.82 -25.82
CA THR A 48 -13.19 12.99 -24.94
C THR A 48 -12.94 12.61 -23.47
N ASN A 49 -12.10 13.39 -22.79
N ASN A 49 -12.10 13.38 -22.79
CA ASN A 49 -11.75 13.11 -21.40
CA ASN A 49 -11.76 13.11 -21.40
C ASN A 49 -12.91 13.38 -20.45
C ASN A 49 -12.92 13.37 -20.46
N CYS A 50 -13.12 12.49 -19.50
CA CYS A 50 -14.06 12.74 -18.40
C CYS A 50 -13.35 13.52 -17.31
N TYR A 51 -12.03 13.37 -17.27
CA TYR A 51 -11.19 13.98 -16.26
C TYR A 51 -9.80 14.13 -16.86
N THR A 52 -9.16 15.26 -16.58
CA THR A 52 -7.72 15.36 -16.80
C THR A 52 -7.20 16.53 -15.97
N GLY A 53 -5.90 16.54 -15.76
CA GLY A 53 -5.29 17.48 -14.82
C GLY A 53 -5.85 17.16 -13.45
N ASN A 54 -6.65 18.07 -12.92
CA ASN A 54 -7.34 17.83 -11.66
C ASN A 54 -8.81 18.24 -11.66
N THR A 55 -9.43 18.30 -12.84
N THR A 55 -9.42 18.27 -12.85
CA THR A 55 -10.84 18.66 -12.93
CA THR A 55 -10.81 18.72 -13.02
C THR A 55 -11.61 17.73 -13.85
C THR A 55 -11.61 17.73 -13.87
N TRP A 56 -12.91 17.60 -13.55
CA TRP A 56 -13.82 16.76 -14.31
C TRP A 56 -14.50 17.56 -15.42
N ASN A 57 -14.82 16.88 -16.50
CA ASN A 57 -15.75 17.40 -17.50
C ASN A 57 -17.16 17.26 -16.94
N THR A 58 -17.79 18.39 -16.61
CA THR A 58 -19.08 18.34 -15.92
C THR A 58 -20.27 18.06 -16.84
N THR A 59 -20.06 18.09 -18.15
CA THR A 59 -21.10 17.69 -19.10
C THR A 59 -21.23 16.16 -19.09
N LEU A 60 -20.10 15.47 -19.15
CA LEU A 60 -20.07 14.01 -19.06
C LEU A 60 -20.34 13.53 -17.63
N CYS A 61 -19.94 14.34 -16.65
CA CYS A 61 -20.02 13.95 -15.24
C CYS A 61 -20.75 14.99 -14.40
N PRO A 62 -22.06 15.14 -14.63
CA PRO A 62 -22.85 16.14 -13.88
C PRO A 62 -23.20 15.66 -12.47
N ASP A 63 -23.11 14.35 -12.25
CA ASP A 63 -23.27 13.77 -10.93
C ASP A 63 -22.49 12.45 -10.91
N ASP A 64 -22.40 11.82 -9.75
CA ASP A 64 -21.60 10.61 -9.58
C ASP A 64 -22.08 9.42 -10.41
N THR A 65 -23.41 9.27 -10.54
CA THR A 65 -23.98 8.13 -11.24
C THR A 65 -23.85 8.28 -12.74
N THR A 66 -24.28 9.43 -13.27
CA THR A 66 -24.18 9.71 -14.70
C THR A 66 -22.74 9.61 -15.18
N CYS A 67 -21.82 10.11 -14.36
CA CYS A 67 -20.39 10.04 -14.67
C CYS A 67 -19.94 8.59 -14.84
N ALA A 68 -20.32 7.73 -13.90
CA ALA A 68 -19.99 6.30 -14.00
C ALA A 68 -20.61 5.64 -15.23
N GLN A 69 -21.81 6.07 -15.63
CA GLN A 69 -22.45 5.54 -16.84
C GLN A 69 -21.73 5.99 -18.10
N ASN A 70 -21.20 7.21 -18.08
CA ASN A 70 -20.64 7.82 -19.28
C ASN A 70 -19.14 7.63 -19.48
N CYS A 71 -18.42 7.17 -18.47
CA CYS A 71 -16.97 7.22 -18.49
C CYS A 71 -16.29 5.86 -18.40
N ALA A 72 -15.29 5.67 -19.25
CA ALA A 72 -14.62 4.39 -19.42
C ALA A 72 -13.14 4.49 -19.06
N LEU A 73 -12.66 3.51 -18.32
CA LEU A 73 -11.23 3.35 -18.03
C LEU A 73 -10.60 2.54 -19.15
N ASP A 74 -9.47 3.01 -19.69
CA ASP A 74 -8.89 2.27 -20.80
C ASP A 74 -7.58 1.57 -20.45
N GLY A 75 -7.03 0.84 -21.41
CA GLY A 75 -5.84 0.04 -21.20
C GLY A 75 -4.62 0.89 -20.92
N ALA A 76 -3.62 0.27 -20.31
CA ALA A 76 -2.41 0.96 -19.88
C ALA A 76 -1.17 0.44 -20.61
N ASP A 77 -0.31 1.37 -21.03
CA ASP A 77 1.01 1.03 -21.54
C ASP A 77 1.93 0.93 -20.32
N TYR A 78 2.08 -0.27 -19.79
CA TYR A 78 2.71 -0.48 -18.48
C TYR A 78 4.13 0.07 -18.42
N GLU A 79 4.97 -0.34 -19.35
CA GLU A 79 6.35 0.12 -19.35
C GLU A 79 6.48 1.56 -19.88
N GLY A 80 5.86 1.84 -21.03
CA GLY A 80 6.06 3.11 -21.73
C GLY A 80 5.50 4.34 -21.05
N THR A 81 4.36 4.17 -20.38
CA THR A 81 3.70 5.28 -19.71
C THR A 81 3.96 5.30 -18.20
N TYR A 82 3.96 4.12 -17.57
CA TYR A 82 3.98 4.04 -16.11
C TYR A 82 5.27 3.51 -15.51
N GLY A 83 6.22 3.07 -16.34
CA GLY A 83 7.50 2.59 -15.86
C GLY A 83 7.38 1.33 -15.03
N ILE A 84 6.40 0.50 -15.38
CA ILE A 84 6.14 -0.76 -14.70
C ILE A 84 6.62 -1.90 -15.59
N THR A 85 7.53 -2.73 -15.09
N THR A 85 7.53 -2.72 -15.05
CA THR A 85 7.99 -3.89 -15.84
CA THR A 85 8.08 -3.88 -15.76
C THR A 85 7.96 -5.11 -14.93
C THR A 85 7.95 -5.12 -14.89
N ALA A 86 7.28 -6.15 -15.40
CA ALA A 86 7.14 -7.41 -14.67
C ALA A 86 7.68 -8.53 -15.53
N SER A 87 8.68 -9.24 -15.01
CA SER A 87 9.30 -10.35 -15.71
C SER A 87 9.61 -11.46 -14.71
N GLY A 88 9.21 -12.69 -15.04
CA GLY A 88 9.50 -13.83 -14.18
C GLY A 88 8.91 -13.62 -12.79
N ASN A 89 9.78 -13.63 -11.77
CA ASN A 89 9.38 -13.41 -10.37
C ASN A 89 9.51 -11.96 -9.89
N SER A 90 9.83 -11.03 -10.80
CA SER A 90 10.21 -9.67 -10.41
C SER A 90 9.26 -8.60 -10.95
N LEU A 91 8.98 -7.61 -10.11
CA LEU A 91 8.20 -6.44 -10.50
C LEU A 91 9.02 -5.20 -10.19
N ARG A 92 9.31 -4.41 -11.23
CA ARG A 92 9.99 -3.13 -11.06
C ARG A 92 9.01 -1.98 -11.31
N LEU A 93 9.00 -1.04 -10.38
CA LEU A 93 8.24 0.21 -10.51
C LEU A 93 9.24 1.37 -10.53
N ASN A 94 9.17 2.20 -11.57
CA ASN A 94 9.97 3.41 -11.63
C ASN A 94 9.20 4.61 -11.09
N PHE A 95 9.91 5.55 -10.48
CA PHE A 95 9.30 6.68 -9.83
C PHE A 95 8.76 7.66 -10.87
N VAL A 96 9.62 8.10 -11.78
CA VAL A 96 9.23 9.04 -12.82
C VAL A 96 9.39 8.43 -14.20
N THR A 97 8.34 8.53 -15.01
CA THR A 97 8.40 8.10 -16.40
C THR A 97 7.97 9.26 -17.29
N ASN A 98 8.86 9.63 -18.20
CA ASN A 98 8.58 10.70 -19.16
C ASN A 98 8.20 10.09 -20.48
N GLY A 99 6.94 9.72 -20.60
CA GLY A 99 6.37 9.29 -21.87
C GLY A 99 5.94 10.53 -22.63
N SER A 100 4.74 10.47 -23.20
CA SER A 100 4.12 11.67 -23.79
C SER A 100 3.82 12.68 -22.68
N GLN A 101 3.51 12.14 -21.50
CA GLN A 101 3.22 12.91 -20.31
C GLN A 101 4.17 12.47 -19.19
N LYS A 102 4.31 13.29 -18.16
CA LYS A 102 5.08 12.91 -16.99
C LYS A 102 4.18 12.09 -16.06
N ASN A 103 4.61 10.88 -15.73
CA ASN A 103 3.92 10.05 -14.74
C ASN A 103 4.76 9.90 -13.49
N VAL A 104 4.13 10.05 -12.32
CA VAL A 104 4.81 9.87 -11.05
C VAL A 104 4.18 8.72 -10.28
N GLY A 105 5.00 7.71 -10.01
CA GLY A 105 4.59 6.60 -9.14
C GLY A 105 3.58 5.68 -9.78
N SER A 106 3.16 4.69 -9.01
CA SER A 106 2.16 3.74 -9.45
C SER A 106 1.66 2.94 -8.28
N ARG A 107 0.47 2.36 -8.43
CA ARG A 107 -0.07 1.39 -7.50
C ARG A 107 -0.60 0.23 -8.32
N THR A 108 -0.17 -0.99 -7.98
CA THR A 108 -0.57 -2.19 -8.71
C THR A 108 -1.10 -3.25 -7.77
N TYR A 109 -1.84 -4.21 -8.33
CA TYR A 109 -2.43 -5.31 -7.58
C TYR A 109 -2.09 -6.64 -8.24
N LEU A 110 -1.90 -7.67 -7.42
CA LEU A 110 -1.67 -9.01 -7.93
C LEU A 110 -2.99 -9.69 -8.30
N MET A 111 -3.05 -10.25 -9.50
N MET A 111 -3.08 -10.23 -9.51
CA MET A 111 -4.26 -10.88 -10.04
CA MET A 111 -4.28 -10.88 -10.00
C MET A 111 -4.17 -12.39 -10.06
C MET A 111 -4.17 -12.39 -10.04
N LYS A 112 -5.31 -13.05 -9.85
CA LYS A 112 -5.45 -14.50 -10.01
C LYS A 112 -5.74 -14.84 -11.48
N ASP A 113 -6.65 -14.07 -12.08
CA ASP A 113 -6.94 -14.16 -13.51
C ASP A 113 -7.26 -12.74 -13.99
N ASP A 114 -7.59 -12.56 -15.26
CA ASP A 114 -7.72 -11.21 -15.82
C ASP A 114 -8.89 -10.39 -15.25
N THR A 115 -9.81 -11.02 -14.52
CA THR A 115 -10.96 -10.32 -13.93
C THR A 115 -11.07 -10.47 -12.40
N HIS A 116 -10.07 -11.06 -11.75
CA HIS A 116 -10.09 -11.26 -10.31
C HIS A 116 -8.73 -11.02 -9.66
N TYR A 117 -8.73 -10.27 -8.57
CA TYR A 117 -7.55 -10.15 -7.73
C TYR A 117 -7.31 -11.47 -7.01
N GLN A 118 -6.04 -11.79 -6.79
CA GLN A 118 -5.67 -12.87 -5.88
C GLN A 118 -5.99 -12.43 -4.46
N THR A 119 -6.57 -13.32 -3.66
CA THR A 119 -6.79 -13.00 -2.25
C THR A 119 -5.95 -13.91 -1.36
N PHE A 120 -5.60 -13.38 -0.19
CA PHE A 120 -4.76 -14.07 0.78
C PHE A 120 -5.39 -14.03 2.17
N ASN A 121 -5.36 -15.17 2.86
CA ASN A 121 -5.62 -15.26 4.28
C ASN A 121 -4.35 -15.87 4.89
N LEU A 122 -3.55 -15.01 5.53
N LEU A 122 -3.52 -15.05 5.52
CA LEU A 122 -2.21 -15.36 6.02
CA LEU A 122 -2.22 -15.54 5.98
C LEU A 122 -2.16 -15.79 7.49
C LEU A 122 -2.16 -15.79 7.49
N LEU A 123 -3.30 -16.03 8.12
CA LEU A 123 -3.33 -16.49 9.51
C LEU A 123 -2.56 -17.81 9.61
N ASN A 124 -1.63 -17.88 10.55
CA ASN A 124 -0.72 -19.04 10.70
C ASN A 124 0.18 -19.24 9.50
N GLN A 125 0.40 -18.19 8.72
CA GLN A 125 1.27 -18.28 7.57
C GLN A 125 2.22 -17.11 7.58
N GLU A 126 3.17 -17.13 6.64
CA GLU A 126 4.09 -16.03 6.47
C GLU A 126 4.10 -15.60 5.03
N PHE A 127 4.39 -14.32 4.82
CA PHE A 127 4.55 -13.73 3.51
C PHE A 127 5.99 -13.26 3.40
N THR A 128 6.65 -13.63 2.31
CA THR A 128 8.07 -13.36 2.16
C THR A 128 8.33 -12.83 0.76
N PHE A 129 9.23 -11.86 0.66
CA PHE A 129 9.63 -11.33 -0.64
C PHE A 129 11.04 -10.77 -0.55
N ASP A 130 11.68 -10.63 -1.71
CA ASP A 130 12.95 -9.94 -1.82
C ASP A 130 12.70 -8.52 -2.29
N VAL A 131 13.50 -7.58 -1.82
CA VAL A 131 13.34 -6.21 -2.26
C VAL A 131 14.68 -5.53 -2.47
N ASP A 132 14.73 -4.67 -3.49
N ASP A 132 14.72 -4.64 -3.47
CA ASP A 132 15.85 -3.76 -3.71
CA ASP A 132 15.85 -3.76 -3.70
C ASP A 132 15.33 -2.36 -3.47
C ASP A 132 15.35 -2.33 -3.49
N VAL A 133 15.77 -1.73 -2.38
CA VAL A 133 15.39 -0.35 -2.01
C VAL A 133 16.57 0.61 -2.14
N SER A 134 17.67 0.14 -2.71
CA SER A 134 18.90 0.93 -2.84
C SER A 134 18.69 2.21 -3.66
N GLY A 135 17.72 2.18 -4.56
CA GLY A 135 17.39 3.33 -5.39
C GLY A 135 16.27 4.19 -4.85
N LEU A 136 15.95 4.07 -3.56
CA LEU A 136 14.91 4.87 -2.91
C LEU A 136 15.49 5.80 -1.85
N PRO A 137 15.65 7.09 -2.20
CA PRO A 137 16.16 8.03 -1.20
C PRO A 137 15.07 8.56 -0.27
N CYS A 138 15.44 9.53 0.57
CA CYS A 138 14.49 10.22 1.45
C CYS A 138 13.27 10.69 0.68
N GLY A 139 12.09 10.51 1.26
CA GLY A 139 10.86 10.99 0.66
C GLY A 139 10.11 10.01 -0.23
N LEU A 140 10.75 8.89 -0.59
N LEU A 140 10.78 8.90 -0.59
CA LEU A 140 10.07 7.88 -1.38
CA LEU A 140 10.18 7.83 -1.38
C LEU A 140 9.62 6.72 -0.50
C LEU A 140 9.60 6.74 -0.49
N ASN A 141 8.66 5.97 -1.02
CA ASN A 141 8.09 4.83 -0.30
C ASN A 141 7.74 3.78 -1.32
N GLY A 142 8.47 2.67 -1.29
CA GLY A 142 8.10 1.45 -1.98
C GLY A 142 7.28 0.66 -1.00
N ALA A 143 5.98 0.60 -1.24
CA ALA A 143 5.07 -0.05 -0.31
C ALA A 143 4.56 -1.37 -0.89
N LEU A 144 4.59 -2.40 -0.06
CA LEU A 144 3.95 -3.67 -0.37
C LEU A 144 3.01 -3.92 0.79
N TYR A 145 1.74 -4.10 0.49
CA TYR A 145 0.75 -4.16 1.54
C TYR A 145 -0.52 -4.85 1.10
N MET A 146 -1.46 -5.00 2.04
CA MET A 146 -2.67 -5.73 1.77
C MET A 146 -3.89 -4.98 2.26
N VAL A 147 -4.96 -5.04 1.47
CA VAL A 147 -6.24 -4.46 1.83
C VAL A 147 -7.33 -5.41 1.36
N PRO A 148 -8.45 -5.52 2.11
CA PRO A 148 -9.51 -6.43 1.72
C PRO A 148 -10.44 -5.85 0.67
N MET A 149 -9.88 -5.60 -0.51
CA MET A 149 -10.66 -5.21 -1.68
C MET A 149 -11.48 -6.40 -2.17
N ALA A 150 -12.65 -6.11 -2.75
CA ALA A 150 -13.47 -7.15 -3.36
C ALA A 150 -12.67 -7.82 -4.48
N ALA A 151 -12.67 -9.15 -4.53
CA ALA A 151 -11.82 -9.87 -5.47
C ALA A 151 -12.17 -9.53 -6.93
N ASP A 152 -13.44 -9.25 -7.20
CA ASP A 152 -13.88 -8.90 -8.56
C ASP A 152 -13.82 -7.40 -8.87
N GLY A 153 -13.28 -6.60 -7.95
CA GLY A 153 -13.24 -5.15 -8.10
C GLY A 153 -14.57 -4.45 -7.89
N GLY A 154 -15.56 -5.18 -7.36
CA GLY A 154 -16.86 -4.61 -7.01
C GLY A 154 -17.98 -4.89 -7.99
N VAL A 155 -17.69 -5.56 -9.10
CA VAL A 155 -18.67 -5.66 -10.20
C VAL A 155 -19.98 -6.36 -9.78
N SER A 156 -19.89 -7.37 -8.92
CA SER A 156 -21.07 -8.19 -8.58
C SER A 156 -22.29 -7.45 -8.03
N ASN A 157 -22.09 -6.34 -7.32
N ASN A 157 -22.05 -6.35 -7.31
CA ASN A 157 -23.21 -5.56 -6.80
CA ASN A 157 -23.11 -5.55 -6.68
C ASN A 157 -23.06 -4.07 -7.07
C ASN A 157 -23.15 -4.09 -7.13
N GLU A 158 -22.42 -3.75 -8.19
CA GLU A 158 -22.27 -2.36 -8.64
C GLU A 158 -22.59 -2.26 -10.14
N PRO A 159 -23.86 -2.01 -10.47
CA PRO A 159 -24.31 -2.03 -11.86
C PRO A 159 -23.52 -1.14 -12.83
N ASN A 160 -23.02 -0.01 -12.34
CA ASN A 160 -22.27 0.91 -13.21
C ASN A 160 -20.76 0.66 -13.20
N ASN A 161 -20.33 -0.41 -12.53
CA ASN A 161 -18.93 -0.83 -12.55
C ASN A 161 -18.79 -2.08 -13.42
N LYS A 162 -18.41 -1.88 -14.68
CA LYS A 162 -18.06 -2.98 -15.57
C LYS A 162 -16.55 -3.23 -15.59
N ALA A 163 -15.76 -2.20 -15.32
CA ALA A 163 -14.30 -2.29 -15.42
C ALA A 163 -13.69 -3.25 -14.38
N GLY A 164 -14.09 -3.13 -13.13
CA GLY A 164 -13.71 -4.08 -12.08
C GLY A 164 -12.21 -4.29 -11.90
N ALA A 165 -11.86 -5.49 -11.43
CA ALA A 165 -10.47 -5.83 -11.15
C ALA A 165 -9.58 -5.76 -12.40
N GLN A 166 -10.16 -6.05 -13.57
CA GLN A 166 -9.45 -6.01 -14.84
C GLN A 166 -8.78 -4.65 -15.09
N TYR A 167 -9.39 -3.58 -14.57
CA TYR A 167 -8.85 -2.23 -14.70
C TYR A 167 -8.46 -1.61 -13.35
N GLY A 168 -8.25 -2.44 -12.34
CA GLY A 168 -7.72 -1.98 -11.07
C GLY A 168 -8.66 -1.11 -10.28
N VAL A 169 -9.96 -1.43 -10.37
CA VAL A 169 -10.99 -0.71 -9.64
C VAL A 169 -11.20 -1.37 -8.27
N GLY A 170 -11.63 -0.59 -7.29
CA GLY A 170 -12.04 -1.13 -6.00
C GLY A 170 -11.19 -0.76 -4.81
N TYR A 171 -10.17 0.09 -4.99
CA TYR A 171 -9.25 0.40 -3.89
C TYR A 171 -9.96 1.03 -2.70
N CYS A 172 -9.47 0.67 -1.51
CA CYS A 172 -9.87 1.26 -0.24
C CYS A 172 -8.65 1.12 0.65
N ASP A 173 -8.54 1.94 1.68
CA ASP A 173 -7.53 1.71 2.73
C ASP A 173 -7.90 2.43 4.02
N SER A 174 -7.01 2.38 5.00
N SER A 174 -7.01 2.37 5.02
CA SER A 174 -7.30 2.86 6.35
CA SER A 174 -7.33 2.88 6.35
C SER A 174 -7.25 4.40 6.47
C SER A 174 -7.22 4.40 6.48
N GLN A 175 -6.83 5.07 5.40
CA GLN A 175 -6.88 6.53 5.32
C GLN A 175 -8.22 7.03 4.78
N CYS A 176 -9.09 6.12 4.35
CA CYS A 176 -10.38 6.49 3.75
C CYS A 176 -10.19 7.52 2.63
N PRO A 177 -9.33 7.20 1.64
CA PRO A 177 -8.94 8.20 0.65
C PRO A 177 -10.10 8.79 -0.12
N ARG A 178 -10.12 10.12 -0.20
CA ARG A 178 -11.11 10.84 -0.97
C ARG A 178 -10.59 11.29 -2.34
N ASP A 179 -9.32 11.02 -2.65
N ASP A 179 -9.31 11.04 -2.62
CA ASP A 179 -8.76 11.40 -3.94
CA ASP A 179 -8.72 11.39 -3.93
C ASP A 179 -9.07 10.41 -5.06
C ASP A 179 -8.91 10.29 -4.98
N LEU A 180 -9.84 9.37 -4.73
CA LEU A 180 -10.20 8.34 -5.71
C LEU A 180 -11.27 8.88 -6.64
N LYS A 181 -11.13 8.60 -7.94
CA LYS A 181 -12.10 9.05 -8.94
C LYS A 181 -13.35 8.20 -8.92
N PHE A 182 -13.19 6.91 -8.61
CA PHE A 182 -14.31 5.99 -8.49
C PHE A 182 -14.31 5.25 -7.17
N ILE A 183 -15.48 5.21 -6.54
CA ILE A 183 -15.67 4.51 -5.28
C ILE A 183 -16.99 3.75 -5.29
N ALA A 184 -16.90 2.43 -5.10
CA ALA A 184 -18.07 1.55 -5.00
C ALA A 184 -19.06 1.71 -6.16
N GLY A 185 -18.53 1.83 -7.37
CA GLY A 185 -19.34 1.82 -8.58
C GLY A 185 -19.97 3.16 -8.95
N SER A 186 -19.51 4.23 -8.31
CA SER A 186 -19.91 5.60 -8.65
C SER A 186 -18.67 6.44 -8.82
N ALA A 187 -18.76 7.50 -9.61
CA ALA A 187 -17.69 8.49 -9.66
C ALA A 187 -17.69 9.30 -8.37
N ASN A 188 -16.65 10.08 -8.18
CA ASN A 188 -16.49 10.93 -7.00
C ASN A 188 -16.41 12.41 -7.40
N VAL A 189 -17.11 12.76 -8.48
CA VAL A 189 -17.12 14.13 -9.01
C VAL A 189 -17.86 15.11 -8.10
N GLN A 190 -18.92 14.64 -7.44
CA GLN A 190 -19.68 15.50 -6.54
C GLN A 190 -18.81 15.89 -5.35
N GLY A 191 -18.68 17.19 -5.12
CA GLY A 191 -17.82 17.71 -4.08
C GLY A 191 -16.34 17.76 -4.43
N TRP A 192 -16.00 17.48 -5.69
CA TRP A 192 -14.59 17.47 -6.10
C TRP A 192 -13.99 18.87 -6.03
N GLU A 193 -12.85 18.97 -5.36
CA GLU A 193 -12.11 20.22 -5.29
C GLU A 193 -10.64 19.94 -5.53
N PRO A 194 -9.99 20.76 -6.37
CA PRO A 194 -8.53 20.69 -6.49
C PRO A 194 -7.84 20.86 -5.14
N ALA A 195 -6.78 20.08 -4.91
CA ALA A 195 -6.04 20.15 -3.65
C ALA A 195 -4.57 19.87 -3.91
N SER A 196 -3.71 20.81 -3.50
CA SER A 196 -2.28 20.74 -3.76
C SER A 196 -1.57 19.60 -3.04
N ASN A 197 -2.10 19.20 -1.88
CA ASN A 197 -1.46 18.17 -1.04
C ASN A 197 -2.02 16.77 -1.25
N SER A 198 -2.54 16.51 -2.45
CA SER A 198 -3.00 15.17 -2.84
C SER A 198 -2.29 14.74 -4.12
N GLY A 202 -6.82 16.09 -6.49
CA GLY A 202 -8.04 16.64 -5.90
C GLY A 202 -8.67 15.71 -4.89
N LEU A 203 -9.75 16.17 -4.27
N LEU A 203 -9.79 16.16 -4.32
CA LEU A 203 -10.46 15.42 -3.25
CA LEU A 203 -10.46 15.47 -3.23
C LEU A 203 -11.95 15.50 -3.55
C LEU A 203 -11.98 15.53 -3.45
N GLY A 204 -12.62 14.36 -3.51
CA GLY A 204 -14.07 14.30 -3.74
C GLY A 204 -14.88 14.23 -2.47
N GLY A 205 -16.19 14.22 -2.64
CA GLY A 205 -17.12 14.17 -1.51
C GLY A 205 -17.03 12.92 -0.65
N ASN A 206 -16.64 11.80 -1.24
N ASN A 206 -16.67 11.79 -1.26
CA ASN A 206 -16.59 10.54 -0.52
CA ASN A 206 -16.66 10.49 -0.58
C ASN A 206 -15.23 9.90 -0.50
C ASN A 206 -15.25 9.90 -0.49
N GLY A 207 -15.04 9.04 0.50
CA GLY A 207 -13.79 8.31 0.68
C GLY A 207 -14.05 6.82 0.75
N SER A 208 -12.99 6.04 0.60
CA SER A 208 -13.10 4.59 0.47
C SER A 208 -12.33 3.90 1.60
N CYS A 209 -13.06 3.41 2.60
CA CYS A 209 -12.47 2.92 3.85
C CYS A 209 -12.37 1.41 3.89
N CYS A 210 -11.26 0.91 4.44
CA CYS A 210 -11.17 -0.50 4.85
C CYS A 210 -9.96 -0.71 5.73
N ALA A 211 -9.83 -1.91 6.29
CA ALA A 211 -8.65 -2.26 7.07
C ALA A 211 -7.44 -2.32 6.14
N GLU A 212 -6.24 -2.31 6.71
CA GLU A 212 -5.03 -2.23 5.90
C GLU A 212 -3.86 -2.83 6.65
N LEU A 213 -3.16 -3.74 5.99
CA LEU A 213 -1.97 -4.35 6.56
C LEU A 213 -0.75 -3.89 5.79
N ASP A 214 -0.03 -2.91 6.34
CA ASP A 214 1.18 -2.42 5.70
C ASP A 214 2.36 -3.31 6.06
N ILE A 215 2.51 -4.38 5.30
CA ILE A 215 3.60 -5.33 5.49
C ILE A 215 4.92 -4.58 5.36
N TRP A 216 5.01 -3.68 4.38
CA TRP A 216 6.26 -3.04 4.04
C TRP A 216 6.04 -1.64 3.49
N GLU A 217 6.54 -0.66 4.24
N GLU A 217 6.50 -0.64 4.25
CA GLU A 217 6.63 0.71 3.75
CA GLU A 217 6.60 0.74 3.79
C GLU A 217 8.05 1.16 4.04
C GLU A 217 8.05 1.13 4.03
N ALA A 218 8.80 1.45 2.98
CA ALA A 218 10.23 1.63 3.13
C ALA A 218 10.93 2.34 2.00
N ASN A 219 12.07 2.91 2.35
CA ASN A 219 13.07 3.35 1.40
C ASN A 219 14.42 2.88 1.90
N SER A 220 15.51 3.43 1.39
CA SER A 220 16.84 3.03 1.84
C SER A 220 17.21 3.50 3.26
N ILE A 221 16.43 4.43 3.82
N ILE A 221 16.40 4.41 3.82
CA ILE A 221 16.71 4.99 5.15
CA ILE A 221 16.70 5.01 5.11
C ILE A 221 15.95 4.26 6.25
C ILE A 221 15.95 4.34 6.26
N SER A 222 14.63 4.17 6.10
CA SER A 222 13.77 3.59 7.12
C SER A 222 12.71 2.67 6.54
N ALA A 223 12.22 1.78 7.40
CA ALA A 223 11.15 0.84 7.04
C ALA A 223 10.17 0.73 8.20
N ALA A 224 8.90 0.52 7.87
CA ALA A 224 7.88 0.31 8.88
C ALA A 224 6.95 -0.84 8.50
N LEU A 225 6.54 -1.58 9.53
CA LEU A 225 5.53 -2.62 9.43
C LEU A 225 4.36 -2.16 10.29
N THR A 226 3.16 -2.09 9.69
CA THR A 226 2.04 -1.41 10.33
C THR A 226 0.67 -1.98 9.99
N PRO A 227 0.09 -2.79 10.88
CA PRO A 227 -1.33 -3.12 10.70
C PRO A 227 -2.23 -1.93 11.11
N HIS A 228 -3.34 -1.77 10.39
CA HIS A 228 -4.35 -0.75 10.68
C HIS A 228 -5.70 -1.43 10.80
N SER A 229 -6.42 -1.16 11.88
CA SER A 229 -7.74 -1.73 12.07
C SER A 229 -8.86 -0.89 11.43
N ALA A 230 -10.06 -1.46 11.40
CA ALA A 230 -11.26 -0.78 10.91
C ALA A 230 -12.51 -1.44 11.50
N ASP A 231 -13.52 -0.61 11.79
CA ASP A 231 -14.79 -1.12 12.31
C ASP A 231 -15.40 -2.17 11.39
N THR A 232 -15.42 -1.86 10.10
CA THR A 232 -15.80 -2.81 9.07
C THR A 232 -14.58 -3.03 8.21
N VAL A 233 -14.14 -4.27 8.10
CA VAL A 233 -12.83 -4.53 7.50
C VAL A 233 -12.83 -4.37 5.98
N THR A 234 -13.96 -4.65 5.34
CA THR A 234 -14.08 -4.49 3.89
C THR A 234 -14.55 -3.08 3.55
N GLN A 235 -14.66 -2.78 2.25
CA GLN A 235 -14.94 -1.42 1.81
C GLN A 235 -16.22 -0.83 2.39
N THR A 236 -16.11 0.39 2.89
CA THR A 236 -17.29 1.20 3.19
C THR A 236 -17.04 2.58 2.61
N VAL A 237 -18.12 3.30 2.35
CA VAL A 237 -18.04 4.64 1.79
C VAL A 237 -18.34 5.66 2.88
N CYS A 238 -17.47 6.66 3.00
CA CYS A 238 -17.64 7.71 4.01
C CYS A 238 -17.92 9.05 3.37
N ASN A 239 -18.45 9.96 4.18
CA ASN A 239 -18.94 11.26 3.74
C ASN A 239 -18.02 12.38 4.25
N GLY A 240 -17.24 12.98 3.35
CA GLY A 240 -16.45 14.17 3.65
C GLY A 240 -15.53 14.10 4.88
N ASP A 241 -15.66 15.08 5.77
CA ASP A 241 -14.79 15.15 6.94
C ASP A 241 -15.06 14.04 7.96
N ASP A 242 -16.26 13.45 7.92
CA ASP A 242 -16.58 12.30 8.77
C ASP A 242 -15.72 11.08 8.44
N CYS A 243 -15.11 11.09 7.25
CA CYS A 243 -14.17 10.04 6.84
C CYS A 243 -13.03 9.82 7.82
N GLY A 244 -12.53 10.91 8.41
CA GLY A 244 -11.29 10.86 9.17
C GLY A 244 -10.15 10.63 8.20
N GLY A 245 -8.99 10.25 8.72
CA GLY A 245 -7.84 9.98 7.89
C GLY A 245 -7.14 11.25 7.45
N THR A 246 -6.26 11.12 6.46
CA THR A 246 -5.34 12.18 6.07
C THR A 246 -6.01 13.46 5.57
N TYR A 247 -7.09 13.30 4.82
N TYR A 247 -7.06 13.31 4.77
CA TYR A 247 -7.83 14.46 4.32
CA TYR A 247 -7.79 14.45 4.19
C TYR A 247 -9.14 14.66 4.99
C TYR A 247 -9.08 14.73 4.94
N SER A 248 -8.97 15.05 6.22
CA SER A 248 -10.10 15.37 7.07
C SER A 248 -9.65 16.36 8.14
N ASN A 249 -10.57 17.20 8.60
CA ASN A 249 -10.24 18.18 9.64
C ASN A 249 -10.05 17.54 11.02
N ASP A 250 -10.64 16.36 11.22
CA ASP A 250 -10.40 15.54 12.41
C ASP A 250 -9.97 14.14 11.99
N ARG A 251 -8.66 13.92 12.02
CA ARG A 251 -8.05 12.68 11.57
C ARG A 251 -8.63 11.42 12.20
N TYR A 252 -9.03 11.50 13.47
CA TYR A 252 -9.46 10.34 14.21
C TYR A 252 -10.98 10.19 14.36
N SER A 253 -11.75 10.94 13.56
CA SER A 253 -13.21 10.97 13.69
C SER A 253 -13.93 9.88 12.89
N GLY A 254 -13.20 9.09 12.13
CA GLY A 254 -13.79 8.08 11.24
C GLY A 254 -13.87 6.68 11.81
N THR A 255 -14.12 5.71 10.93
CA THR A 255 -14.34 4.32 11.34
C THR A 255 -13.10 3.43 11.18
N THR A 256 -12.00 4.03 10.72
CA THR A 256 -10.75 3.29 10.55
C THR A 256 -9.64 3.89 11.40
N ASP A 257 -8.56 3.12 11.52
CA ASP A 257 -7.39 3.52 12.27
C ASP A 257 -6.34 4.05 11.28
N PRO A 258 -6.18 5.38 11.17
CA PRO A 258 -5.28 5.92 10.16
C PRO A 258 -3.80 5.85 10.53
N ASP A 259 -3.48 5.51 11.78
CA ASP A 259 -2.08 5.51 12.24
C ASP A 259 -1.47 4.12 12.28
N GLY A 260 -2.24 3.15 12.76
CA GLY A 260 -1.79 1.77 12.83
C GLY A 260 -0.91 1.52 14.04
N CYS A 261 -0.59 0.25 14.29
CA CYS A 261 0.38 -0.12 15.31
C CYS A 261 1.68 -0.43 14.57
N ASP A 262 2.57 0.54 14.52
CA ASP A 262 3.75 0.45 13.67
C ASP A 262 4.97 -0.06 14.43
N PHE A 263 5.83 -0.77 13.70
CA PHE A 263 7.18 -1.08 14.15
C PHE A 263 8.16 -0.61 13.10
N ASN A 264 8.83 0.50 13.39
CA ASN A 264 9.97 1.02 12.64
C ASN A 264 11.15 0.91 13.59
N SER A 265 12.14 0.09 13.25
N SER A 265 12.14 0.09 13.26
CA SER A 265 13.27 -0.17 14.13
CA SER A 265 13.28 -0.16 14.14
C SER A 265 13.95 1.10 14.68
C SER A 265 13.94 1.10 14.68
N TYR A 266 14.07 2.10 13.81
CA TYR A 266 14.69 3.39 14.18
C TYR A 266 13.81 4.14 15.18
N ARG A 267 12.51 4.17 14.91
CA ARG A 267 11.55 4.83 15.81
C ARG A 267 11.52 4.12 17.17
N GLN A 268 11.76 2.81 17.13
CA GLN A 268 11.81 2.00 18.36
C GLN A 268 13.18 1.97 19.02
N GLY A 269 14.09 2.85 18.60
CA GLY A 269 15.30 3.15 19.35
C GLY A 269 16.57 2.51 18.84
N ASP A 270 16.48 1.66 17.82
CA ASP A 270 17.67 1.04 17.25
C ASP A 270 18.01 1.71 15.91
N THR A 271 18.95 2.65 15.96
CA THR A 271 19.34 3.41 14.77
C THR A 271 20.42 2.71 13.96
N SER A 272 20.96 1.60 14.45
CA SER A 272 22.03 0.87 13.76
C SER A 272 21.55 -0.33 12.94
N PHE A 273 20.25 -0.59 12.96
CA PHE A 273 19.71 -1.84 12.44
C PHE A 273 19.42 -1.84 10.95
N TYR A 274 18.67 -0.83 10.48
CA TYR A 274 18.19 -0.80 9.10
C TYR A 274 18.63 0.47 8.40
N GLY A 275 19.30 0.33 7.26
CA GLY A 275 19.75 1.50 6.50
C GLY A 275 21.02 1.24 5.75
N PRO A 276 21.60 2.29 5.14
CA PRO A 276 22.78 2.11 4.32
C PRO A 276 23.99 1.72 5.17
N GLY A 277 24.59 0.56 4.86
CA GLY A 277 25.71 0.03 5.62
C GLY A 277 25.36 -0.55 6.98
N LYS A 278 24.07 -0.71 7.26
CA LYS A 278 23.64 -1.16 8.59
C LYS A 278 23.39 -2.69 8.58
N THR A 279 22.90 -3.23 9.69
CA THR A 279 22.75 -4.67 9.84
C THR A 279 21.93 -5.28 8.72
N VAL A 280 20.79 -4.66 8.42
CA VAL A 280 20.07 -4.92 7.18
C VAL A 280 20.51 -3.78 6.27
N ASP A 281 21.41 -4.10 5.33
CA ASP A 281 22.12 -3.11 4.54
C ASP A 281 21.33 -2.79 3.28
N THR A 282 20.76 -1.58 3.25
CA THR A 282 19.87 -1.21 2.16
C THR A 282 20.62 -0.89 0.85
N ASN A 283 21.95 -0.93 0.87
CA ASN A 283 22.74 -0.81 -0.36
C ASN A 283 22.60 -2.05 -1.26
N SER A 284 22.10 -3.16 -0.70
CA SER A 284 21.93 -4.41 -1.45
C SER A 284 20.55 -5.02 -1.20
N LYS A 285 20.17 -5.93 -2.09
CA LYS A 285 18.93 -6.68 -1.97
C LYS A 285 18.89 -7.46 -0.66
N PHE A 286 17.68 -7.63 -0.12
CA PHE A 286 17.48 -8.49 1.03
C PHE A 286 16.09 -9.08 1.00
N THR A 287 15.91 -10.12 1.79
CA THR A 287 14.63 -10.80 1.94
C THR A 287 13.91 -10.31 3.19
N VAL A 288 12.60 -10.08 3.07
CA VAL A 288 11.74 -9.62 4.15
C VAL A 288 10.69 -10.69 4.44
N VAL A 289 10.73 -11.24 5.66
CA VAL A 289 9.80 -12.29 6.09
C VAL A 289 8.85 -11.69 7.12
N THR A 290 7.55 -11.89 6.93
CA THR A 290 6.56 -11.42 7.88
C THR A 290 5.63 -12.58 8.24
N GLN A 291 5.57 -12.91 9.53
CA GLN A 291 4.84 -14.07 10.04
C GLN A 291 3.62 -13.62 10.84
N PHE A 292 2.50 -14.30 10.63
CA PHE A 292 1.22 -13.93 11.25
C PHE A 292 0.79 -15.05 12.18
N LEU A 293 1.21 -14.93 13.45
N LEU A 293 1.18 -14.92 13.45
CA LEU A 293 0.97 -15.95 14.46
CA LEU A 293 0.95 -15.97 14.44
C LEU A 293 -0.36 -15.73 15.14
C LEU A 293 -0.36 -15.73 15.15
N THR A 294 -0.98 -16.83 15.60
CA THR A 294 -2.29 -16.79 16.24
C THR A 294 -2.23 -17.31 17.65
N ASP A 295 -3.29 -17.04 18.41
CA ASP A 295 -3.51 -17.71 19.70
C ASP A 295 -4.08 -19.11 19.41
N SER A 296 -4.44 -19.85 20.45
CA SER A 296 -4.96 -21.20 20.26
C SER A 296 -6.38 -21.24 19.65
N SER A 297 -7.01 -20.07 19.52
CA SER A 297 -8.36 -19.95 18.92
C SER A 297 -8.32 -19.49 17.46
N GLY A 298 -7.12 -19.35 16.89
CA GLY A 298 -6.97 -18.98 15.50
C GLY A 298 -7.07 -17.49 15.22
N ASN A 299 -7.07 -16.67 16.26
CA ASN A 299 -7.07 -15.22 16.08
C ASN A 299 -5.64 -14.69 16.09
N LEU A 300 -5.35 -13.75 15.20
CA LEU A 300 -4.04 -13.14 15.14
C LEU A 300 -3.65 -12.56 16.50
N ASN A 301 -2.45 -12.88 16.97
CA ASN A 301 -1.95 -12.26 18.20
C ASN A 301 -0.51 -11.76 18.14
N GLU A 302 0.17 -11.98 17.01
CA GLU A 302 1.55 -11.55 16.89
C GLU A 302 1.97 -11.50 15.43
N ILE A 303 2.66 -10.43 15.07
CA ILE A 303 3.32 -10.32 13.77
C ILE A 303 4.82 -10.27 14.02
N LYS A 304 5.55 -11.26 13.48
N LYS A 304 5.56 -11.25 13.48
CA LYS A 304 7.00 -11.30 13.58
CA LYS A 304 7.02 -11.26 13.60
C LYS A 304 7.64 -10.90 12.25
C LYS A 304 7.66 -10.98 12.25
N ARG A 305 8.89 -10.44 12.32
CA ARG A 305 9.64 -10.02 11.14
C ARG A 305 11.03 -10.62 11.21
N PHE A 306 11.48 -11.24 10.12
CA PHE A 306 12.88 -11.63 9.95
C PHE A 306 13.38 -11.05 8.64
N TYR A 307 14.69 -10.83 8.56
CA TYR A 307 15.33 -10.49 7.29
C TYR A 307 16.30 -11.59 6.96
N VAL A 308 16.60 -11.73 5.67
CA VAL A 308 17.70 -12.58 5.24
C VAL A 308 18.55 -11.76 4.28
N GLN A 309 19.85 -11.67 4.57
CA GLN A 309 20.78 -11.01 3.67
C GLN A 309 22.14 -11.71 3.75
N ASN A 310 22.77 -11.92 2.59
CA ASN A 310 24.02 -12.70 2.52
C ASN A 310 23.88 -14.10 3.13
N GLY A 311 22.67 -14.68 3.02
CA GLY A 311 22.39 -16.01 3.57
C GLY A 311 22.24 -16.08 5.08
N VAL A 312 22.23 -14.92 5.74
CA VAL A 312 22.13 -14.86 7.20
C VAL A 312 20.74 -14.43 7.61
N VAL A 313 20.13 -15.21 8.51
CA VAL A 313 18.82 -14.89 9.05
C VAL A 313 19.00 -13.87 10.18
N ILE A 314 18.31 -12.75 10.05
CA ILE A 314 18.44 -11.63 10.96
C ILE A 314 17.09 -11.39 11.64
N PRO A 315 16.99 -11.68 12.95
CA PRO A 315 15.78 -11.34 13.67
C PRO A 315 15.52 -9.84 13.70
N ASN A 316 14.26 -9.46 13.82
CA ASN A 316 13.95 -8.05 13.95
C ASN A 316 14.62 -7.49 15.20
N SER A 317 15.00 -6.22 15.15
CA SER A 317 15.65 -5.56 16.27
C SER A 317 14.68 -5.39 17.42
N GLN A 318 15.21 -5.47 18.64
CA GLN A 318 14.45 -5.19 19.84
C GLN A 318 14.12 -3.72 19.90
N SER A 319 12.91 -3.41 20.35
CA SER A 319 12.57 -2.05 20.75
C SER A 319 13.35 -1.74 22.03
N THR A 320 14.01 -0.60 22.06
CA THR A 320 14.85 -0.22 23.21
C THR A 320 14.25 0.93 24.00
N ILE A 321 13.09 1.40 23.58
CA ILE A 321 12.42 2.51 24.25
C ILE A 321 11.99 2.02 25.63
N ALA A 322 12.29 2.80 26.67
CA ALA A 322 11.87 2.43 28.02
C ALA A 322 10.34 2.31 28.06
N GLY A 323 9.86 1.16 28.50
CA GLY A 323 8.43 0.88 28.52
C GLY A 323 7.90 0.15 27.30
N ILE A 324 8.70 0.05 26.23
CA ILE A 324 8.31 -0.68 25.01
C ILE A 324 9.36 -1.73 24.66
N SER A 325 9.14 -2.97 25.09
CA SER A 325 10.10 -4.04 24.83
C SER A 325 9.63 -4.97 23.71
N GLY A 326 10.55 -5.83 23.28
CA GLY A 326 10.26 -6.87 22.29
C GLY A 326 10.57 -6.44 20.87
N ASN A 327 10.53 -7.40 19.96
CA ASN A 327 10.85 -7.18 18.55
C ASN A 327 9.72 -7.57 17.61
N SER A 328 8.50 -7.61 18.12
CA SER A 328 7.36 -8.03 17.31
C SER A 328 6.12 -7.21 17.66
N ILE A 329 5.10 -7.32 16.82
CA ILE A 329 3.85 -6.59 17.05
C ILE A 329 2.85 -7.49 17.75
N THR A 330 2.53 -7.13 18.99
CA THR A 330 1.64 -7.89 19.86
C THR A 330 0.71 -6.91 20.56
N GLN A 331 -0.30 -7.45 21.24
CA GLN A 331 -1.19 -6.65 22.08
C GLN A 331 -0.41 -5.77 23.06
N ASP A 332 0.52 -6.39 23.78
CA ASP A 332 1.29 -5.70 24.79
C ASP A 332 2.16 -4.60 24.18
N TYR A 333 2.79 -4.91 23.06
CA TYR A 333 3.61 -3.91 22.36
C TYR A 333 2.78 -2.72 21.93
N CYS A 334 1.63 -2.97 21.31
CA CYS A 334 0.82 -1.87 20.78
C CYS A 334 0.30 -0.97 21.88
N THR A 335 -0.18 -1.56 22.97
CA THR A 335 -0.66 -0.79 24.09
C THR A 335 0.47 0.06 24.68
N ALA A 336 1.62 -0.56 24.88
CA ALA A 336 2.76 0.13 25.47
C ALA A 336 3.25 1.26 24.58
N GLN A 337 3.35 0.98 23.28
CA GLN A 337 3.90 1.95 22.34
C GLN A 337 3.02 3.21 22.25
N LYS A 338 1.71 3.02 22.19
CA LYS A 338 0.79 4.15 22.10
C LYS A 338 0.80 4.95 23.40
N GLN A 339 0.88 4.27 24.53
CA GLN A 339 0.98 4.96 25.83
C GLN A 339 2.29 5.73 25.95
N VAL A 340 3.41 5.11 25.64
CA VAL A 340 4.72 5.75 25.81
C VAL A 340 4.92 6.89 24.80
N PHE A 341 4.52 6.69 23.55
CA PHE A 341 4.68 7.72 22.52
C PHE A 341 3.61 8.80 22.65
N GLY A 342 2.54 8.51 23.38
CA GLY A 342 1.43 9.47 23.53
C GLY A 342 0.64 9.65 22.26
N ASP A 343 0.49 8.58 21.50
CA ASP A 343 -0.30 8.60 20.27
C ASP A 343 -1.65 7.97 20.57
N THR A 344 -2.71 8.51 19.97
CA THR A 344 -4.05 8.02 20.20
C THR A 344 -4.14 6.59 19.68
N ASN A 345 -4.69 5.69 20.49
CA ASN A 345 -4.73 4.28 20.14
C ASN A 345 -5.97 3.94 19.31
N THR A 346 -6.04 4.51 18.11
CA THR A 346 -7.12 4.20 17.17
C THR A 346 -7.02 2.75 16.69
N TRP A 347 -5.81 2.20 16.71
CA TRP A 347 -5.59 0.78 16.46
C TRP A 347 -6.49 -0.08 17.35
N GLU A 348 -6.41 0.16 18.65
CA GLU A 348 -7.25 -0.57 19.61
C GLU A 348 -8.73 -0.19 19.45
N ASP A 349 -9.00 1.09 19.26
CA ASP A 349 -10.39 1.58 19.18
C ASP A 349 -11.20 0.90 18.10
N HIS A 350 -10.57 0.59 16.97
CA HIS A 350 -11.28 0.00 15.83
C HIS A 350 -11.08 -1.51 15.71
N GLY A 351 -10.63 -2.14 16.79
CA GLY A 351 -10.68 -3.61 16.89
C GLY A 351 -9.34 -4.33 16.86
N GLY A 352 -8.25 -3.58 16.72
CA GLY A 352 -6.90 -4.14 16.79
C GLY A 352 -6.73 -5.48 16.10
N PHE A 353 -6.26 -6.47 16.86
CA PHE A 353 -5.91 -7.78 16.30
C PHE A 353 -7.12 -8.56 15.80
N GLN A 354 -8.27 -8.36 16.42
CA GLN A 354 -9.48 -9.03 15.95
C GLN A 354 -9.92 -8.49 14.59
N SER A 355 -9.79 -7.18 14.43
CA SER A 355 -10.06 -6.53 13.16
C SER A 355 -9.16 -7.12 12.05
N MET A 356 -7.87 -7.26 12.33
N MET A 356 -7.86 -7.24 12.32
CA MET A 356 -6.95 -7.78 11.32
CA MET A 356 -6.93 -7.80 11.34
C MET A 356 -7.24 -9.26 11.04
C MET A 356 -7.24 -9.26 11.04
N THR A 357 -7.62 -10.01 12.06
CA THR A 357 -8.06 -11.40 11.88
C THR A 357 -9.23 -11.46 10.91
N ASN A 358 -10.22 -10.59 11.11
CA ASN A 358 -11.40 -10.59 10.24
C ASN A 358 -11.07 -10.10 8.82
N ALA A 359 -10.11 -9.19 8.70
CA ALA A 359 -9.62 -8.77 7.38
C ALA A 359 -9.01 -9.94 6.59
N PHE A 360 -8.21 -10.75 7.27
CA PHE A 360 -7.62 -11.93 6.63
C PHE A 360 -8.71 -12.93 6.23
N LYS A 361 -9.68 -13.13 7.10
CA LYS A 361 -10.78 -14.03 6.79
C LYS A 361 -11.60 -13.56 5.59
N ALA A 362 -11.74 -12.24 5.42
CA ALA A 362 -12.41 -11.66 4.26
C ALA A 362 -11.63 -11.90 2.97
N GLY A 363 -10.31 -11.93 3.08
CA GLY A 363 -9.43 -12.12 1.95
C GLY A 363 -8.78 -10.80 1.60
N MET A 364 -7.45 -10.78 1.65
N MET A 364 -7.46 -10.73 1.65
CA MET A 364 -6.64 -9.60 1.37
CA MET A 364 -6.75 -9.49 1.36
C MET A 364 -6.11 -9.61 -0.06
C MET A 364 -6.04 -9.55 0.02
N VAL A 365 -6.14 -8.45 -0.71
CA VAL A 365 -5.50 -8.28 -2.01
C VAL A 365 -4.10 -7.68 -1.81
N LEU A 366 -3.11 -8.18 -2.55
CA LEU A 366 -1.74 -7.69 -2.46
C LEU A 366 -1.56 -6.45 -3.33
N VAL A 367 -1.05 -5.39 -2.72
CA VAL A 367 -0.80 -4.12 -3.39
C VAL A 367 0.70 -3.88 -3.41
N MET A 368 1.23 -3.49 -4.56
CA MET A 368 2.63 -3.10 -4.68
C MET A 368 2.70 -1.74 -5.34
N SER A 369 3.31 -0.78 -4.66
CA SER A 369 3.25 0.61 -5.09
C SER A 369 4.59 1.32 -4.88
N LEU A 370 4.72 2.47 -5.54
CA LEU A 370 5.84 3.38 -5.33
C LEU A 370 5.27 4.79 -5.35
N TRP A 371 5.52 5.56 -4.31
CA TRP A 371 4.90 6.87 -4.19
C TRP A 371 5.72 7.88 -3.42
N ASP A 372 5.45 9.15 -3.71
CA ASP A 372 5.85 10.24 -2.82
C ASP A 372 4.60 10.81 -2.15
N ASP A 373 4.82 11.62 -1.11
CA ASP A 373 3.78 11.93 -0.16
C ASP A 373 3.49 13.42 -0.17
N TYR A 374 2.38 13.78 -0.81
CA TYR A 374 1.99 15.18 -0.97
C TYR A 374 1.41 15.77 0.33
N TYR A 375 1.08 14.92 1.30
CA TYR A 375 0.59 15.39 2.59
C TYR A 375 1.71 15.73 3.57
N ALA A 376 2.60 14.77 3.82
CA ALA A 376 3.62 14.92 4.86
C ALA A 376 5.05 14.59 4.44
N ASP A 377 5.31 14.54 3.14
CA ASP A 377 6.67 14.41 2.59
C ASP A 377 7.40 13.14 3.06
N MET A 378 6.63 12.15 3.49
CA MET A 378 7.13 10.87 3.99
C MET A 378 7.92 11.03 5.29
N LEU A 379 7.73 12.15 5.97
CA LEU A 379 8.52 12.46 7.16
C LEU A 379 8.20 11.55 8.32
N TRP A 380 6.94 11.11 8.38
CA TRP A 380 6.50 10.09 9.34
C TRP A 380 7.29 8.77 9.24
N LEU A 381 7.83 8.48 8.06
CA LEU A 381 8.64 7.28 7.83
C LEU A 381 10.11 7.48 8.13
N ASP A 382 10.68 8.60 7.70
CA ASP A 382 12.14 8.72 7.64
C ASP A 382 12.78 9.97 8.23
N SER A 383 12.01 10.83 8.88
CA SER A 383 12.54 12.11 9.37
C SER A 383 13.26 11.97 10.70
N VAL A 384 14.29 12.79 10.88
CA VAL A 384 14.89 12.98 12.21
C VAL A 384 13.85 13.46 13.23
N ALA A 385 12.76 14.08 12.77
CA ALA A 385 11.67 14.44 13.64
C ALA A 385 10.32 14.53 12.91
N TYR A 386 9.31 13.84 13.43
CA TYR A 386 7.94 14.04 12.99
C TYR A 386 7.00 14.06 14.20
N PRO A 387 6.19 15.11 14.37
CA PRO A 387 6.19 16.30 13.52
C PRO A 387 7.53 17.04 13.54
N THR A 388 7.77 17.87 12.53
CA THR A 388 9.10 18.48 12.33
C THR A 388 9.51 19.45 13.44
N ASP A 389 8.53 19.95 14.18
CA ASP A 389 8.77 20.87 15.30
C ASP A 389 8.86 20.18 16.67
N ALA A 390 8.74 18.86 16.70
CA ALA A 390 8.80 18.12 17.96
C ALA A 390 10.24 17.82 18.34
N ASP A 391 10.45 17.53 19.62
CA ASP A 391 11.76 17.26 20.17
C ASP A 391 12.14 15.79 19.95
N PRO A 392 13.25 15.51 19.24
CA PRO A 392 13.69 14.12 19.07
C PRO A 392 14.01 13.38 20.39
N SER A 393 14.26 14.13 21.47
CA SER A 393 14.38 13.55 22.82
C SER A 393 13.09 12.90 23.31
N THR A 394 11.96 13.29 22.73
CA THR A 394 10.69 12.68 23.06
C THR A 394 10.59 11.36 22.31
N PRO A 395 10.36 10.24 23.03
CA PRO A 395 10.22 8.96 22.36
C PRO A 395 9.12 8.97 21.29
N GLY A 396 9.44 8.42 20.12
CA GLY A 396 8.49 8.32 19.02
C GLY A 396 8.60 9.41 17.96
N VAL A 397 9.39 10.45 18.25
CA VAL A 397 9.51 11.56 17.32
C VAL A 397 10.45 11.27 16.15
N ALA A 398 11.63 10.69 16.41
CA ALA A 398 12.59 10.37 15.36
C ALA A 398 12.24 9.07 14.66
N ARG A 399 12.24 9.08 13.33
CA ARG A 399 11.93 7.86 12.55
C ARG A 399 13.00 7.46 11.53
N GLY A 400 13.94 8.36 11.25
CA GLY A 400 15.03 8.08 10.33
C GLY A 400 16.03 9.22 10.36
N THR A 401 16.90 9.27 9.36
CA THR A 401 17.98 10.25 9.31
C THR A 401 17.72 11.40 8.34
N CYS A 402 16.54 11.43 7.72
CA CYS A 402 16.26 12.45 6.70
C CYS A 402 15.96 13.79 7.36
N SER A 403 16.38 14.87 6.72
CA SER A 403 16.11 16.20 7.25
C SER A 403 14.61 16.50 7.24
N THR A 404 14.20 17.43 8.09
CA THR A 404 12.81 17.85 8.16
C THR A 404 12.32 18.57 6.90
N THR A 405 13.26 19.02 6.06
CA THR A 405 12.93 19.69 4.80
C THR A 405 12.99 18.73 3.60
N SER A 406 13.15 17.44 3.86
CA SER A 406 13.30 16.44 2.81
C SER A 406 11.97 15.94 2.28
N GLY A 407 11.99 15.34 1.10
CA GLY A 407 10.83 14.65 0.54
C GLY A 407 9.70 15.49 -0.03
N VAL A 408 9.92 16.78 -0.26
CA VAL A 408 8.89 17.60 -0.91
C VAL A 408 8.73 17.10 -2.34
N PRO A 409 7.50 16.74 -2.76
CA PRO A 409 7.33 16.16 -4.11
C PRO A 409 8.00 16.95 -5.24
N SER A 410 7.80 18.25 -5.27
CA SER A 410 8.37 19.08 -6.34
C SER A 410 9.90 19.03 -6.35
N ASP A 411 10.50 18.86 -5.17
CA ASP A 411 11.95 18.69 -5.07
C ASP A 411 12.38 17.30 -5.56
N ILE A 412 11.83 16.25 -4.94
CA ILE A 412 12.32 14.90 -5.20
C ILE A 412 11.90 14.32 -6.56
N GLU A 413 10.81 14.80 -7.13
CA GLU A 413 10.44 14.39 -8.49
C GLU A 413 11.45 14.85 -9.54
N SER A 414 12.23 15.88 -9.21
N SER A 414 12.23 15.87 -9.21
CA SER A 414 13.36 16.30 -10.04
CA SER A 414 13.36 16.29 -10.04
C SER A 414 14.64 15.58 -9.59
C SER A 414 14.64 15.59 -9.60
N SER A 415 15.02 15.79 -8.33
CA SER A 415 16.29 15.30 -7.80
C SER A 415 16.43 13.77 -7.70
N ALA A 416 15.30 13.06 -7.63
CA ALA A 416 15.30 11.60 -7.52
C ALA A 416 14.46 10.95 -8.63
N ALA A 417 14.46 11.58 -9.80
CA ALA A 417 13.65 11.10 -10.92
C ALA A 417 14.01 9.67 -11.34
N SER A 418 15.25 9.24 -11.12
CA SER A 418 15.68 7.88 -11.49
C SER A 418 15.34 6.83 -10.43
N ALA A 419 14.69 7.22 -9.34
CA ALA A 419 14.37 6.28 -8.28
C ALA A 419 13.46 5.15 -8.78
N TYR A 420 13.58 3.98 -8.16
CA TYR A 420 12.84 2.79 -8.53
C TYR A 420 12.84 1.82 -7.36
N VAL A 421 11.96 0.82 -7.41
CA VAL A 421 11.97 -0.28 -6.44
C VAL A 421 11.78 -1.58 -7.24
N ILE A 422 12.35 -2.67 -6.75
CA ILE A 422 12.10 -3.99 -7.34
C ILE A 422 11.67 -4.94 -6.25
N TYR A 423 10.49 -5.53 -6.42
CA TYR A 423 10.00 -6.60 -5.56
C TYR A 423 10.18 -7.90 -6.31
N SER A 424 10.68 -8.93 -5.64
CA SER A 424 10.85 -10.20 -6.32
C SER A 424 10.69 -11.40 -5.40
N ASN A 425 10.51 -12.55 -6.02
CA ASN A 425 10.52 -13.83 -5.31
C ASN A 425 9.54 -13.87 -4.14
N ILE A 426 8.28 -13.52 -4.44
CA ILE A 426 7.22 -13.58 -3.47
C ILE A 426 6.93 -15.04 -3.13
N LYS A 427 6.89 -15.34 -1.84
CA LYS A 427 6.60 -16.69 -1.36
C LYS A 427 5.63 -16.63 -0.19
N VAL A 428 4.69 -17.56 -0.17
N VAL A 428 4.66 -17.54 -0.17
CA VAL A 428 3.71 -17.66 0.91
CA VAL A 428 3.74 -17.65 0.96
C VAL A 428 3.60 -19.11 1.37
C VAL A 428 3.60 -19.10 1.37
N GLY A 429 3.44 -19.32 2.67
CA GLY A 429 3.32 -20.67 3.21
C GLY A 429 3.29 -20.69 4.72
N PRO A 430 3.29 -21.90 5.31
CA PRO A 430 3.35 -22.03 6.76
C PRO A 430 4.57 -21.36 7.38
N ILE A 431 4.54 -21.18 8.69
CA ILE A 431 5.64 -20.56 9.41
C ILE A 431 6.94 -21.33 9.14
N ASN A 432 7.99 -20.58 8.80
CA ASN A 432 9.32 -21.09 8.46
C ASN A 432 9.43 -21.94 7.19
N SER A 433 8.46 -21.81 6.29
CA SER A 433 8.46 -22.56 5.03
C SER A 433 9.14 -21.82 3.87
N THR A 434 9.28 -20.51 4.00
CA THR A 434 9.64 -19.67 2.86
C THR A 434 11.08 -19.19 2.88
N PHE A 435 11.81 -19.48 3.96
CA PHE A 435 13.16 -18.98 4.10
C PHE A 435 14.01 -19.91 4.96
N SER A 436 15.32 -19.71 4.84
CA SER A 436 16.29 -20.36 5.70
C SER A 436 17.61 -19.66 5.52
N GLY A 437 18.58 -20.05 6.34
CA GLY A 437 19.93 -19.48 6.28
C GLY A 437 20.66 -19.72 7.58
N THR A 438 21.82 -19.09 7.72
CA THR A 438 22.62 -19.19 8.94
C THR A 438 22.03 -18.25 10.00
#